data_4DRR
#
_entry.id   4DRR
#
_cell.length_a   43.758
_cell.length_b   34.923
_cell.length_c   44.096
_cell.angle_alpha   90.00
_cell.angle_beta   95.46
_cell.angle_gamma   90.00
#
_symmetry.space_group_name_H-M   'P 1 21 1'
#
loop_
_entity.id
_entity.type
_entity.pdbx_description
1 polymer 'Outer capsid protein VP4'
2 non-polymer 'SODIUM ION'
3 water water
#
_entity_poly.entity_id   1
_entity_poly.type   'polypeptide(L)'
_entity_poly.pdbx_seq_one_letter_code
;GSTLDGPYQPTTFNLPIDYWMLIAPTQIGRVAEGTNTTDRWFACVLVEPNVQNTQREYVLDGQTVQLQVSNNSSTLWKFI
LFIKLEKNGAYSQYSTLSTSNKLCAWMKREGRVYWYAGTTPNASESYYLTINNDNSNVSCDAEFYLIPRSQTELCTQYIN
NGL
;
_entity_poly.pdbx_strand_id   A
#
# COMPACT_ATOMS: atom_id res chain seq x y z
N GLY A 1 -20.84 -14.72 -1.15
CA GLY A 1 -19.58 -14.02 -0.94
C GLY A 1 -19.71 -12.53 -0.77
N SER A 2 -18.61 -11.90 -0.37
CA SER A 2 -18.57 -10.46 -0.27
C SER A 2 -18.69 -9.82 -1.64
N THR A 3 -19.30 -8.65 -1.70
CA THR A 3 -19.49 -7.94 -2.95
C THR A 3 -18.79 -6.59 -2.87
N LEU A 4 -17.74 -6.43 -3.67
CA LEU A 4 -16.91 -5.21 -3.68
C LEU A 4 -16.91 -4.60 -5.06
N ASP A 5 -16.62 -3.32 -5.12
CA ASP A 5 -16.48 -2.63 -6.40
C ASP A 5 -15.11 -2.91 -7.02
N GLY A 6 -15.09 -3.79 -8.01
CA GLY A 6 -13.86 -4.22 -8.66
C GLY A 6 -14.01 -5.68 -9.00
N PRO A 7 -12.92 -6.36 -9.39
CA PRO A 7 -11.56 -5.80 -9.48
C PRO A 7 -11.39 -4.87 -10.69
N TYR A 8 -10.59 -3.83 -10.48
CA TYR A 8 -10.11 -2.99 -11.56
C TYR A 8 -8.74 -3.46 -11.98
N GLN A 9 -8.44 -3.32 -13.27
CA GLN A 9 -7.12 -3.68 -13.77
C GLN A 9 -6.06 -2.69 -13.36
N PRO A 10 -4.80 -3.13 -13.29
CA PRO A 10 -3.71 -2.19 -13.00
C PRO A 10 -3.81 -0.95 -13.89
N THR A 11 -3.56 0.21 -13.29
CA THR A 11 -3.67 1.46 -14.00
C THR A 11 -3.06 2.58 -13.17
N THR A 12 -3.00 3.76 -13.77
CA THR A 12 -2.65 4.99 -13.06
C THR A 12 -3.86 5.91 -13.11
N PHE A 13 -4.30 6.39 -11.96
CA PHE A 13 -5.44 7.29 -11.93
C PHE A 13 -5.45 8.21 -10.73
N ASN A 14 -6.29 9.24 -10.80
CA ASN A 14 -6.48 10.16 -9.69
C ASN A 14 -7.48 9.52 -8.73
N LEU A 15 -6.97 8.73 -7.78
CA LEU A 15 -7.82 8.07 -6.79
C LEU A 15 -8.70 9.09 -6.08
N PRO A 16 -10.03 8.93 -6.17
CA PRO A 16 -10.89 9.92 -5.51
C PRO A 16 -10.73 9.88 -4.00
N ILE A 17 -10.84 11.04 -3.34
CA ILE A 17 -10.79 11.06 -1.89
C ILE A 17 -11.95 10.25 -1.34
N ASP A 18 -11.76 9.76 -0.11
CA ASP A 18 -12.81 9.06 0.64
C ASP A 18 -13.15 7.66 0.13
N TYR A 19 -12.23 7.06 -0.62
CA TYR A 19 -12.35 5.67 -1.04
C TYR A 19 -11.11 4.87 -0.67
N TRP A 20 -11.31 3.72 -0.04
CA TRP A 20 -10.22 2.80 0.16
C TRP A 20 -9.88 2.15 -1.16
N MET A 21 -8.60 2.16 -1.48
CA MET A 21 -8.13 1.39 -2.61
C MET A 21 -7.58 0.11 -2.00
N LEU A 22 -8.33 -0.97 -2.14
CA LEU A 22 -7.96 -2.28 -1.59
C LEU A 22 -7.20 -3.03 -2.68
N ILE A 23 -5.90 -3.19 -2.48
CA ILE A 23 -5.04 -3.70 -3.55
C ILE A 23 -4.74 -5.18 -3.34
N ALA A 24 -4.83 -5.95 -4.42
CA ALA A 24 -4.80 -7.41 -4.34
C ALA A 24 -3.75 -8.04 -5.27
N PRO A 25 -2.46 -7.88 -4.93
CA PRO A 25 -1.37 -8.41 -5.76
C PRO A 25 -1.32 -9.93 -5.82
N THR A 26 -0.82 -10.45 -6.93
CA THR A 26 -0.51 -11.86 -7.04
C THR A 26 0.99 -12.11 -6.98
N GLN A 27 1.78 -11.05 -7.10
CA GLN A 27 3.23 -11.17 -7.14
C GLN A 27 3.90 -10.36 -6.04
N ILE A 28 5.03 -10.85 -5.56
CA ILE A 28 5.86 -10.07 -4.64
C ILE A 28 6.51 -8.93 -5.41
N GLY A 29 7.09 -7.99 -4.67
CA GLY A 29 7.73 -6.84 -5.26
C GLY A 29 6.87 -5.59 -5.20
N ARG A 30 7.13 -4.66 -6.13
CA ARG A 30 6.36 -3.42 -6.16
C ARG A 30 4.88 -3.72 -6.34
N VAL A 31 4.05 -3.04 -5.55
CA VAL A 31 2.60 -3.21 -5.60
C VAL A 31 1.91 -1.96 -6.15
N ALA A 32 2.23 -0.80 -5.59
CA ALA A 32 1.62 0.44 -6.02
C ALA A 32 2.44 1.63 -5.54
N GLU A 33 2.24 2.77 -6.18
CA GLU A 33 2.92 3.98 -5.72
C GLU A 33 2.09 5.20 -6.05
N GLY A 34 2.38 6.30 -5.38
CA GLY A 34 1.65 7.52 -5.64
C GLY A 34 2.51 8.72 -5.29
N THR A 35 2.04 9.89 -5.70
CA THR A 35 2.80 11.10 -5.42
C THR A 35 1.94 12.35 -5.48
N ASN A 36 2.34 13.36 -4.71
CA ASN A 36 1.74 14.68 -4.83
C ASN A 36 2.54 15.60 -5.77
N THR A 37 3.60 15.05 -6.34
CA THR A 37 4.50 15.74 -7.30
C THR A 37 5.45 16.76 -6.69
N THR A 38 5.33 17.02 -5.40
CA THR A 38 6.13 18.05 -4.76
C THR A 38 7.06 17.54 -3.66
N ASP A 39 6.51 16.85 -2.66
CA ASP A 39 7.34 16.41 -1.54
C ASP A 39 6.98 15.05 -0.95
N ARG A 40 6.16 14.28 -1.65
CA ARG A 40 5.84 12.92 -1.24
C ARG A 40 5.75 11.99 -2.43
N TRP A 41 6.59 10.96 -2.43
CA TRP A 41 6.46 9.85 -3.35
C TRP A 41 6.39 8.61 -2.47
N PHE A 42 5.25 7.95 -2.47
CA PHE A 42 5.04 6.81 -1.58
C PHE A 42 4.84 5.54 -2.39
N ALA A 43 5.27 4.43 -1.82
CA ALA A 43 5.24 3.16 -2.52
C ALA A 43 5.06 2.03 -1.53
N CYS A 44 4.34 0.99 -1.93
CA CYS A 44 4.33 -0.21 -1.13
C CYS A 44 4.87 -1.40 -1.92
N VAL A 45 5.61 -2.25 -1.22
CA VAL A 45 6.16 -3.45 -1.82
C VAL A 45 5.77 -4.63 -0.95
N LEU A 46 5.69 -5.80 -1.58
CA LEU A 46 5.27 -7.02 -0.91
C LEU A 46 6.46 -7.95 -0.78
N VAL A 47 6.64 -8.46 0.44
CA VAL A 47 7.73 -9.38 0.77
C VAL A 47 7.15 -10.69 1.30
N GLU A 48 7.61 -11.81 0.76
CA GLU A 48 7.12 -13.14 1.13
C GLU A 48 7.58 -13.54 2.54
N PRO A 49 6.99 -14.61 3.11
CA PRO A 49 7.44 -15.05 4.43
C PRO A 49 8.90 -15.52 4.44
N ASN A 50 9.53 -15.46 5.61
CA ASN A 50 10.85 -16.09 5.81
C ASN A 50 11.95 -15.51 4.92
N VAL A 51 12.15 -14.20 5.04
CA VAL A 51 13.19 -13.51 4.31
C VAL A 51 14.18 -12.85 5.28
N GLN A 52 15.41 -13.32 5.24
CA GLN A 52 16.45 -12.72 6.06
C GLN A 52 16.82 -11.36 5.51
N ASN A 53 17.33 -10.51 6.39
CA ASN A 53 17.77 -9.17 6.01
C ASN A 53 18.53 -9.20 4.70
N THR A 54 18.11 -8.35 3.77
CA THR A 54 18.72 -8.35 2.44
C THR A 54 18.36 -7.08 1.72
N GLN A 55 19.14 -6.74 0.69
CA GLN A 55 18.81 -5.59 -0.14
C GLN A 55 18.22 -6.06 -1.47
N ARG A 56 17.00 -5.63 -1.75
CA ARG A 56 16.36 -5.96 -3.02
C ARG A 56 16.21 -4.71 -3.87
N GLU A 57 16.08 -4.90 -5.18
CA GLU A 57 15.87 -3.77 -6.07
C GLU A 57 14.41 -3.62 -6.45
N TYR A 58 13.96 -2.37 -6.48
CA TYR A 58 12.62 -2.02 -6.89
C TYR A 58 12.71 -0.79 -7.78
N VAL A 59 11.82 -0.69 -8.75
CA VAL A 59 11.76 0.49 -9.59
C VAL A 59 10.68 1.40 -9.03
N LEU A 60 11.13 2.45 -8.32
CA LEU A 60 10.25 3.37 -7.63
C LEU A 60 10.42 4.77 -8.23
N ASP A 61 9.30 5.40 -8.57
CA ASP A 61 9.34 6.66 -9.31
C ASP A 61 10.25 6.56 -10.54
N GLY A 62 10.24 5.39 -11.16
CA GLY A 62 10.96 5.20 -12.41
C GLY A 62 12.43 4.84 -12.24
N GLN A 63 12.93 4.94 -11.02
CA GLN A 63 14.34 4.68 -10.76
C GLN A 63 14.57 3.37 -10.04
N THR A 64 15.61 2.65 -10.45
CA THR A 64 15.98 1.42 -9.78
C THR A 64 16.72 1.74 -8.49
N VAL A 65 16.13 1.35 -7.36
CA VAL A 65 16.72 1.60 -6.06
C VAL A 65 16.93 0.32 -5.27
N GLN A 66 17.93 0.31 -4.41
CA GLN A 66 18.17 -0.81 -3.50
C GLN A 66 17.60 -0.45 -2.14
N LEU A 67 16.76 -1.32 -1.61
CA LEU A 67 16.18 -1.11 -0.29
C LEU A 67 16.34 -2.34 0.58
N GLN A 68 16.67 -2.11 1.83
CA GLN A 68 16.77 -3.18 2.80
C GLN A 68 15.40 -3.68 3.23
N VAL A 69 15.17 -4.99 3.10
CA VAL A 69 13.92 -5.60 3.53
C VAL A 69 14.18 -6.89 4.30
N SER A 70 13.17 -7.29 5.08
CA SER A 70 13.20 -8.54 5.83
C SER A 70 11.77 -8.91 6.18
N ASN A 71 11.56 -10.20 6.44
CA ASN A 71 10.30 -10.68 6.97
C ASN A 71 10.56 -11.92 7.81
N ASN A 72 10.53 -11.78 9.13
CA ASN A 72 10.90 -12.89 10.00
C ASN A 72 9.73 -13.80 10.38
N SER A 73 8.55 -13.54 9.81
CA SER A 73 7.42 -14.44 9.98
C SER A 73 7.57 -15.62 9.05
N SER A 74 7.34 -16.83 9.56
CA SER A 74 7.39 -18.02 8.71
C SER A 74 6.11 -18.19 7.90
N THR A 75 5.07 -17.41 8.22
CA THR A 75 3.75 -17.65 7.63
C THR A 75 3.10 -16.42 6.98
N LEU A 76 3.35 -15.23 7.53
CA LEU A 76 2.67 -14.02 7.08
C LEU A 76 3.44 -13.29 5.99
N TRP A 77 2.72 -12.77 5.01
CA TRP A 77 3.28 -11.85 4.03
C TRP A 77 3.48 -10.51 4.69
N LYS A 78 4.31 -9.67 4.08
CA LYS A 78 4.59 -8.36 4.64
C LYS A 78 4.58 -7.28 3.54
N PHE A 79 3.66 -6.32 3.67
CA PHE A 79 3.70 -5.11 2.85
C PHE A 79 4.55 -4.08 3.59
N ILE A 80 5.44 -3.42 2.88
CA ILE A 80 6.22 -2.33 3.45
C ILE A 80 5.91 -1.03 2.73
N LEU A 81 5.65 0.02 3.51
CA LEU A 81 5.37 1.35 2.95
C LEU A 81 6.61 2.22 3.01
N PHE A 82 7.11 2.59 1.84
CA PHE A 82 8.29 3.46 1.70
C PHE A 82 7.86 4.82 1.19
N ILE A 83 8.58 5.85 1.62
CA ILE A 83 8.31 7.21 1.15
C ILE A 83 9.59 7.98 0.93
N LYS A 84 9.67 8.71 -0.18
CA LYS A 84 10.73 9.70 -0.36
C LYS A 84 10.12 11.10 -0.38
N LEU A 85 10.91 12.07 0.07
CA LEU A 85 10.40 13.39 0.45
C LEU A 85 10.81 14.49 -0.52
N GLU A 86 11.61 14.12 -1.50
CA GLU A 86 11.99 15.05 -2.56
C GLU A 86 12.33 14.24 -3.78
N LYS A 87 12.22 14.88 -4.95
CA LYS A 87 12.28 14.14 -6.21
C LYS A 87 13.57 13.33 -6.32
N ASN A 88 14.66 13.90 -5.84
CA ASN A 88 15.98 13.27 -5.99
C ASN A 88 16.47 12.55 -4.73
N GLY A 89 15.58 12.39 -3.75
CA GLY A 89 15.93 11.79 -2.48
C GLY A 89 15.79 10.29 -2.42
N ALA A 90 16.15 9.74 -1.27
CA ALA A 90 16.06 8.29 -1.08
C ALA A 90 14.81 7.95 -0.28
N TYR A 91 14.33 6.72 -0.47
CA TYR A 91 13.17 6.24 0.27
C TYR A 91 13.54 5.77 1.67
N SER A 92 12.67 6.09 2.63
CA SER A 92 12.76 5.53 3.97
C SER A 92 11.52 4.69 4.25
N GLN A 93 11.63 3.80 5.24
CA GLN A 93 10.51 2.95 5.64
C GLN A 93 9.67 3.62 6.73
N TYR A 94 8.35 3.58 6.56
CA TYR A 94 7.43 4.24 7.49
C TYR A 94 6.39 3.35 8.16
N SER A 95 5.97 2.28 7.50
CA SER A 95 4.94 1.43 8.06
C SER A 95 4.98 0.04 7.43
N THR A 96 4.36 -0.93 8.10
CA THR A 96 4.26 -2.28 7.56
C THR A 96 2.91 -2.89 7.86
N LEU A 97 2.57 -3.90 7.06
CA LEU A 97 1.36 -4.70 7.29
C LEU A 97 1.75 -6.15 7.14
N SER A 98 1.65 -6.90 8.25
CA SER A 98 1.94 -8.33 8.22
C SER A 98 0.62 -9.05 8.15
N THR A 99 0.48 -9.90 7.14
CA THR A 99 -0.86 -10.39 6.81
C THR A 99 -0.89 -11.80 6.22
N SER A 100 -1.95 -12.52 6.54
CA SER A 100 -2.17 -13.83 5.95
C SER A 100 -2.95 -13.72 4.65
N ASN A 101 -3.40 -12.51 4.33
CA ASN A 101 -4.37 -12.31 3.24
C ASN A 101 -3.84 -11.64 1.99
N LYS A 102 -2.69 -10.99 2.07
CA LYS A 102 -2.03 -10.40 0.90
C LYS A 102 -2.84 -9.26 0.28
N LEU A 103 -3.56 -8.54 1.12
CA LEU A 103 -4.32 -7.38 0.70
C LEU A 103 -3.80 -6.19 1.48
N CYS A 104 -3.70 -5.04 0.83
CA CYS A 104 -3.36 -3.82 1.53
C CYS A 104 -4.32 -2.72 1.08
N ALA A 105 -4.32 -1.59 1.77
CA ALA A 105 -5.29 -0.56 1.42
C ALA A 105 -4.86 0.80 1.91
N TRP A 106 -5.13 1.81 1.10
CA TRP A 106 -4.93 3.19 1.51
C TRP A 106 -6.07 4.08 1.02
N MET A 107 -6.19 5.25 1.64
CA MET A 107 -7.23 6.21 1.30
C MET A 107 -6.67 7.61 1.35
N LYS A 108 -7.04 8.42 0.35
CA LYS A 108 -6.80 9.86 0.39
C LYS A 108 -7.94 10.56 1.12
N ARG A 109 -7.63 11.16 2.27
CA ARG A 109 -8.59 12.03 2.94
C ARG A 109 -7.89 12.95 3.93
N GLU A 110 -8.48 14.13 4.13
CA GLU A 110 -8.00 15.08 5.13
C GLU A 110 -6.55 15.50 4.86
N GLY A 111 -6.20 15.58 3.59
CA GLY A 111 -4.86 15.96 3.15
C GLY A 111 -3.82 14.88 3.37
N ARG A 112 -4.28 13.68 3.72
CA ARG A 112 -3.39 12.58 4.12
C ARG A 112 -3.63 11.36 3.25
N VAL A 113 -2.71 10.41 3.30
CA VAL A 113 -2.95 9.05 2.82
C VAL A 113 -2.94 8.17 4.07
N TYR A 114 -4.09 7.56 4.36
CA TYR A 114 -4.21 6.60 5.46
C TYR A 114 -3.89 5.21 4.95
N TRP A 115 -3.30 4.39 5.81
CA TRP A 115 -2.75 3.10 5.43
C TRP A 115 -3.05 2.06 6.49
N TYR A 116 -3.47 0.86 6.07
CA TYR A 116 -3.67 -0.23 7.01
C TYR A 116 -2.34 -0.86 7.42
N ALA A 117 -2.09 -0.86 8.74
CA ALA A 117 -0.85 -1.38 9.29
C ALA A 117 -1.14 -2.33 10.43
N GLY A 118 -0.10 -3.05 10.86
CA GLY A 118 -0.22 -3.97 11.98
C GLY A 118 -0.12 -5.42 11.53
N THR A 119 -0.80 -6.29 12.27
CA THR A 119 -0.75 -7.71 12.00
C THR A 119 -2.18 -8.26 11.97
N THR A 120 -2.53 -8.91 10.88
CA THR A 120 -3.87 -9.48 10.76
C THR A 120 -4.05 -10.57 11.81
N PRO A 121 -5.28 -10.78 12.30
CA PRO A 121 -6.54 -10.14 11.91
C PRO A 121 -6.83 -8.84 12.65
N ASN A 122 -5.79 -8.13 13.07
CA ASN A 122 -5.96 -6.89 13.85
C ASN A 122 -5.27 -5.68 13.25
N ALA A 123 -5.19 -5.67 11.93
CA ALA A 123 -4.67 -4.51 11.22
C ALA A 123 -5.71 -3.39 11.24
N SER A 124 -5.24 -2.15 11.25
CA SER A 124 -6.15 -1.02 11.31
C SER A 124 -5.53 0.16 10.57
N GLU A 125 -6.34 1.17 10.25
CA GLU A 125 -5.84 2.36 9.52
C GLU A 125 -5.17 3.33 10.46
N SER A 126 -4.11 2.87 11.12
CA SER A 126 -3.48 3.63 12.20
C SER A 126 -2.35 4.52 11.70
N TYR A 127 -1.90 4.33 10.47
CA TYR A 127 -0.82 5.14 9.93
C TYR A 127 -1.29 6.10 8.83
N TYR A 128 -0.72 7.29 8.79
CA TYR A 128 -0.94 8.19 7.65
C TYR A 128 0.30 9.00 7.34
N LEU A 129 0.45 9.37 6.07
CA LEU A 129 1.40 10.40 5.68
C LEU A 129 0.59 11.59 5.19
N THR A 130 1.23 12.75 5.13
CA THR A 130 0.56 13.98 4.68
C THR A 130 0.96 14.35 3.25
N ILE A 131 -0.03 14.57 2.39
CA ILE A 131 0.22 14.93 0.99
C ILE A 131 -0.34 16.30 0.55
N ASN A 132 -1.46 16.73 1.13
CA ASN A 132 -2.06 18.01 0.78
C ASN A 132 -2.12 18.22 -0.72
N ASN A 133 -2.67 17.24 -1.42
CA ASN A 133 -2.93 17.34 -2.84
C ASN A 133 -3.97 16.28 -3.20
N ASP A 134 -5.23 16.70 -3.24
CA ASP A 134 -6.33 15.77 -3.48
C ASP A 134 -6.30 15.16 -4.87
N ASN A 135 -5.49 15.74 -5.75
CA ASN A 135 -5.36 15.24 -7.12
C ASN A 135 -4.12 14.37 -7.32
N SER A 136 -3.57 13.87 -6.21
CA SER A 136 -2.42 12.98 -6.27
C SER A 136 -2.76 11.67 -6.99
N ASN A 137 -2.00 11.35 -8.03
CA ASN A 137 -2.19 10.11 -8.77
C ASN A 137 -1.61 8.90 -8.06
N VAL A 138 -2.24 7.76 -8.29
CA VAL A 138 -1.72 6.48 -7.82
C VAL A 138 -1.52 5.56 -9.03
N SER A 139 -0.37 4.88 -9.03
CA SER A 139 -0.07 3.89 -10.05
C SER A 139 -0.08 2.52 -9.37
N CYS A 140 -0.90 1.60 -9.86
CA CYS A 140 -1.05 0.32 -9.20
C CYS A 140 -0.66 -0.80 -10.16
N ASP A 141 0.20 -1.72 -9.70
CA ASP A 141 0.61 -2.84 -10.55
C ASP A 141 -0.32 -4.03 -10.45
N ALA A 142 -1.22 -3.98 -9.47
CA ALA A 142 -2.11 -5.11 -9.17
C ALA A 142 -3.56 -4.75 -9.44
N GLU A 143 -4.41 -5.77 -9.50
CA GLU A 143 -5.84 -5.52 -9.48
C GLU A 143 -6.22 -4.90 -8.14
N PHE A 144 -7.29 -4.10 -8.15
CA PHE A 144 -7.71 -3.43 -6.92
C PHE A 144 -9.22 -3.21 -6.88
N TYR A 145 -9.70 -2.90 -5.69
CA TYR A 145 -11.11 -2.62 -5.46
C TYR A 145 -11.23 -1.24 -4.81
N LEU A 146 -12.40 -0.63 -4.93
CA LEU A 146 -12.66 0.66 -4.28
C LEU A 146 -13.79 0.52 -3.28
N ILE A 147 -13.57 0.99 -2.06
CA ILE A 147 -14.54 0.85 -0.98
C ILE A 147 -14.82 2.22 -0.38
N PRO A 148 -16.10 2.67 -0.44
CA PRO A 148 -16.39 4.01 0.09
C PRO A 148 -16.19 4.05 1.58
N ARG A 149 -15.96 5.24 2.12
CA ARG A 149 -15.71 5.37 3.54
C ARG A 149 -16.85 4.81 4.41
N SER A 150 -18.09 4.89 3.91
CA SER A 150 -19.24 4.34 4.63
C SER A 150 -19.08 2.85 4.91
N GLN A 151 -18.21 2.20 4.15
CA GLN A 151 -17.94 0.78 4.36
C GLN A 151 -16.52 0.50 4.85
N THR A 152 -15.95 1.45 5.59
CA THR A 152 -14.64 1.22 6.20
C THR A 152 -14.63 -0.09 7.00
N GLU A 153 -15.73 -0.41 7.67
CA GLU A 153 -15.77 -1.62 8.47
C GLU A 153 -15.55 -2.85 7.61
N LEU A 154 -16.05 -2.81 6.38
CA LEU A 154 -15.85 -3.89 5.43
C LEU A 154 -14.39 -3.93 4.95
N CYS A 155 -13.80 -2.77 4.68
CA CYS A 155 -12.39 -2.77 4.30
C CYS A 155 -11.54 -3.41 5.40
N THR A 156 -11.83 -3.03 6.65
CA THR A 156 -11.13 -3.63 7.77
C THR A 156 -11.31 -5.15 7.80
N GLN A 157 -12.54 -5.60 7.58
CA GLN A 157 -12.86 -7.03 7.53
C GLN A 157 -12.10 -7.77 6.41
N TYR A 158 -12.04 -7.17 5.23
CA TYR A 158 -11.34 -7.79 4.13
C TYR A 158 -9.82 -7.83 4.37
N ILE A 159 -9.27 -6.72 4.85
CA ILE A 159 -7.84 -6.69 5.16
C ILE A 159 -7.49 -7.81 6.13
N ASN A 160 -8.36 -8.03 7.11
CA ASN A 160 -8.04 -8.94 8.20
C ASN A 160 -8.46 -10.39 8.02
N ASN A 161 -9.48 -10.61 7.20
CA ASN A 161 -10.03 -11.95 7.06
C ASN A 161 -10.10 -12.44 5.62
N GLY A 162 -9.73 -11.57 4.68
CA GLY A 162 -9.87 -11.85 3.27
C GLY A 162 -11.27 -11.49 2.80
N LEU A 163 -11.48 -11.60 1.49
CA LEU A 163 -12.72 -11.11 0.90
C LEU A 163 -13.97 -11.75 1.53
#